data_6EUX
#
_entry.id   6EUX
#
_cell.length_a   73.200
_cell.length_b   73.200
_cell.length_c   103.740
_cell.angle_alpha   90.00
_cell.angle_beta   90.00
_cell.angle_gamma   120.00
#
_symmetry.space_group_name_H-M   'P 31 2 1'
#
loop_
_entity.id
_entity.type
_entity.pdbx_description
1 polymer 'Polymerase basic protein 2'
2 non-polymer '(2~{S},3~{S})-3-[[5-fluoranyl-2-(5-fluoranyl-1~{H}-pyrazolo[3,4-b]pyridin-3-yl)pyrimidin-4-yl]amino]bicyclo[2.2.2]octane-2-carboxylic acid'
3 water water
#
_entity_poly.entity_id   1
_entity_poly.type   'polypeptide(L)'
_entity_poly.pdbx_seq_one_letter_code
;GGNKLTESRSQSMIVACRKIIRRSIVASNPLELAVEIANKTVIDTEPLKSCLAAIDGGDVACDIIRAALGLKIRQRQRFG
RLELKRISGRGFKNDEEILIGNGTIQKIGIWDGEEEFHVRCGECRGILKKSKMKLEKLLINSAKKEDMRDLIILCMVFSQ
DTRMFQGVRGEINFLNRAGQLLSPMYQLQRYFLNRSNDLFDQWGYEESPKASELHGINESMNASDYTLKGVVVTRNVIDD
FSSTETEKVSITKNLSLIKRTGEVIMGANDVSELESQAQLMITYDTPKMWEM
;
_entity_poly.pdbx_strand_id   A
#
loop_
_chem_comp.id
_chem_comp.type
_chem_comp.name
_chem_comp.formula
BYB non-polymer '(2~{S},3~{S})-3-[[5-fluoranyl-2-(5-fluoranyl-1~{H}-pyrazolo[3,4-b]pyridin-3-yl)pyrimidin-4-yl]amino]bicyclo[2.2.2]octane-2-carboxylic acid' 'C19 H18 F2 N6 O2'
#
# COMPACT_ATOMS: atom_id res chain seq x y z
N SER A 10 3.90 -15.39 -18.22
CA SER A 10 3.66 -14.69 -16.91
C SER A 10 4.95 -14.49 -16.12
N GLN A 11 5.70 -15.57 -15.93
CA GLN A 11 6.96 -15.54 -15.18
C GLN A 11 8.06 -14.82 -15.98
N SER A 12 8.24 -15.23 -17.23
CA SER A 12 9.22 -14.63 -18.13
C SER A 12 8.84 -13.21 -18.57
N MET A 13 7.54 -12.94 -18.68
CA MET A 13 7.03 -11.64 -19.11
C MET A 13 7.26 -10.55 -18.05
N ILE A 14 6.87 -10.85 -16.81
CA ILE A 14 6.99 -9.89 -15.69
C ILE A 14 8.45 -9.52 -15.39
N VAL A 15 9.34 -10.51 -15.44
CA VAL A 15 10.78 -10.28 -15.22
C VAL A 15 11.40 -9.46 -16.36
N ALA A 16 10.95 -9.69 -17.59
CA ALA A 16 11.38 -8.92 -18.76
C ALA A 16 10.94 -7.45 -18.72
N CYS A 17 9.75 -7.20 -18.15
CA CYS A 17 9.23 -5.83 -18.01
C CYS A 17 10.02 -4.99 -17.00
N ARG A 18 10.38 -5.58 -15.87
CA ARG A 18 11.12 -4.87 -14.82
C ARG A 18 12.56 -4.52 -15.24
N LYS A 19 13.21 -5.43 -15.97
CA LYS A 19 14.59 -5.25 -16.41
C LYS A 19 14.76 -4.08 -17.40
N ILE A 20 13.72 -3.81 -18.19
CA ILE A 20 13.70 -2.65 -19.10
C ILE A 20 13.54 -1.35 -18.32
N ILE A 21 12.69 -1.37 -17.29
CA ILE A 21 12.40 -0.18 -16.47
C ILE A 21 13.58 0.19 -15.57
N ARG A 22 14.25 -0.82 -14.99
CA ARG A 22 15.43 -0.58 -14.13
C ARG A 22 16.53 0.24 -14.83
N ARG A 23 16.84 -0.12 -16.07
CA ARG A 23 17.88 0.56 -16.85
C ARG A 23 17.44 1.93 -17.40
N SER A 24 16.14 2.09 -17.69
CA SER A 24 15.61 3.33 -18.27
C SER A 24 15.56 4.52 -17.29
N ILE A 25 15.36 4.24 -16.00
CA ILE A 25 15.23 5.30 -14.98
C ILE A 25 16.58 6.00 -14.72
N VAL A 26 17.67 5.24 -14.70
CA VAL A 26 19.02 5.80 -14.52
C VAL A 26 19.55 6.28 -15.87
N PRO A 30 13.88 9.58 -19.21
CA PRO A 30 13.73 8.16 -18.89
C PRO A 30 12.65 7.45 -19.71
N LEU A 31 11.57 8.16 -20.05
CA LEU A 31 10.52 7.63 -20.95
C LEU A 31 11.06 7.32 -22.35
N GLU A 32 11.95 8.17 -22.85
CA GLU A 32 12.54 8.00 -24.18
C GLU A 32 13.47 6.78 -24.25
N LEU A 33 14.16 6.47 -23.14
CA LEU A 33 15.00 5.27 -23.05
C LEU A 33 14.18 3.97 -23.01
N ALA A 34 13.06 4.00 -22.29
CA ALA A 34 12.19 2.82 -22.13
C ALA A 34 11.51 2.38 -23.43
N VAL A 35 11.11 3.33 -24.26
CA VAL A 35 10.45 3.05 -25.55
C VAL A 35 11.44 2.46 -26.57
N GLU A 36 12.66 2.99 -26.61
CA GLU A 36 13.71 2.49 -27.52
C GLU A 36 14.16 1.07 -27.18
N ILE A 37 14.34 0.79 -25.89
CA ILE A 37 14.75 -0.56 -25.42
C ILE A 37 13.62 -1.57 -25.62
N ALA A 38 12.37 -1.14 -25.43
CA ALA A 38 11.20 -1.96 -25.71
C ALA A 38 11.09 -2.27 -27.21
N ASN A 39 11.17 -1.23 -28.04
CA ASN A 39 11.20 -1.37 -29.50
C ASN A 39 12.59 -1.83 -29.94
N VAL A 60 2.66 -4.77 -12.82
CA VAL A 60 2.91 -3.36 -12.53
C VAL A 60 3.85 -2.75 -13.57
N ALA A 61 4.96 -3.46 -13.83
CA ALA A 61 5.94 -3.04 -14.81
C ALA A 61 5.41 -3.12 -16.24
N CYS A 62 4.76 -4.23 -16.57
CA CYS A 62 4.21 -4.45 -17.93
C CYS A 62 3.06 -3.49 -18.28
N ASP A 63 2.33 -3.00 -17.27
CA ASP A 63 1.31 -1.96 -17.48
C ASP A 63 1.92 -0.61 -17.90
N ILE A 64 3.12 -0.32 -17.41
CA ILE A 64 3.87 0.89 -17.79
C ILE A 64 4.41 0.80 -19.23
N ILE A 65 4.79 -0.41 -19.65
CA ILE A 65 5.29 -0.66 -21.01
C ILE A 65 4.16 -0.53 -22.05
N ARG A 66 2.97 -1.04 -21.71
CA ARG A 66 1.79 -0.93 -22.57
C ARG A 66 1.31 0.52 -22.73
N ALA A 67 1.34 1.28 -21.64
CA ALA A 67 0.95 2.70 -21.65
C ALA A 67 1.93 3.59 -22.43
N ALA A 68 3.20 3.21 -22.45
CA ALA A 68 4.23 3.96 -23.19
C ALA A 68 4.08 3.83 -24.71
N LEU A 69 3.83 2.61 -25.19
CA LEU A 69 3.66 2.34 -26.62
C LEU A 69 2.30 2.82 -27.13
N GLY A 70 1.23 2.32 -26.49
CA GLY A 70 -0.14 2.69 -26.86
C GLY A 70 -1.18 1.81 -26.19
N ARG A 76 -6.35 1.27 -12.52
CA ARG A 76 -6.28 0.87 -11.12
C ARG A 76 -5.17 1.64 -10.40
N GLN A 77 -5.51 2.25 -9.27
CA GLN A 77 -4.53 2.95 -8.43
C GLN A 77 -3.57 1.93 -7.82
N ARG A 78 -2.29 2.30 -7.74
CA ARG A 78 -1.24 1.44 -7.21
C ARG A 78 -0.45 2.14 -6.10
N PHE A 79 -0.07 1.36 -5.09
CA PHE A 79 0.81 1.82 -4.02
C PHE A 79 1.69 0.62 -3.63
N GLY A 80 2.81 0.48 -4.32
CA GLY A 80 3.61 -0.76 -4.26
C GLY A 80 2.83 -1.92 -4.83
N ARG A 81 2.81 -3.03 -4.09
CA ARG A 81 2.01 -4.21 -4.44
C ARG A 81 0.51 -4.02 -4.25
N LEU A 82 0.10 -3.02 -3.46
CA LEU A 82 -1.31 -2.75 -3.19
C LEU A 82 -2.01 -2.16 -4.42
N GLU A 83 -3.09 -2.80 -4.84
CA GLU A 83 -3.96 -2.32 -5.90
C GLU A 83 -5.25 -1.81 -5.27
N LEU A 84 -5.70 -0.63 -5.68
CA LEU A 84 -6.92 -0.04 -5.13
C LEU A 84 -7.89 0.38 -6.23
N LYS A 85 -9.18 0.24 -5.95
CA LYS A 85 -10.25 0.73 -6.81
C LYS A 85 -11.32 1.34 -5.92
N ARG A 86 -11.71 2.58 -6.24
CA ARG A 86 -12.75 3.33 -5.51
C ARG A 86 -14.07 2.57 -5.35
N ILE A 87 -14.56 2.51 -4.12
CA ILE A 87 -15.93 2.06 -3.81
C ILE A 87 -16.83 3.27 -3.54
N SER A 88 -16.41 4.15 -2.65
CA SER A 88 -17.24 5.28 -2.24
C SER A 88 -16.42 6.40 -1.65
N GLY A 89 -17.05 7.56 -1.54
CA GLY A 89 -16.43 8.75 -0.97
C GLY A 89 -15.45 9.41 -1.92
N ARG A 90 -14.87 10.51 -1.47
CA ARG A 90 -13.87 11.23 -2.23
C ARG A 90 -12.77 11.69 -1.29
N GLY A 91 -11.55 11.75 -1.81
CA GLY A 91 -10.37 12.13 -1.05
C GLY A 91 -9.79 13.43 -1.59
N PHE A 92 -9.24 14.25 -0.68
CA PHE A 92 -8.54 15.48 -1.05
C PHE A 92 -7.26 15.62 -0.24
N LYS A 93 -6.16 15.93 -0.93
CA LYS A 93 -4.82 15.93 -0.35
C LYS A 93 -4.43 17.34 0.08
N ASN A 94 -4.02 17.48 1.34
CA ASN A 94 -3.46 18.74 1.87
C ASN A 94 -2.12 18.46 2.53
N ASP A 95 -1.12 19.28 2.23
CA ASP A 95 0.21 19.12 2.83
C ASP A 95 0.18 19.47 4.31
N GLU A 96 0.78 18.59 5.13
CA GLU A 96 0.88 18.81 6.58
C GLU A 96 2.25 18.39 7.10
N GLU A 97 2.68 19.06 8.17
CA GLU A 97 3.91 18.70 8.89
C GLU A 97 3.55 17.65 9.94
N ILE A 98 4.02 16.42 9.71
CA ILE A 98 3.67 15.27 10.54
C ILE A 98 4.86 14.85 11.38
N LEU A 99 4.69 14.90 12.70
CA LEU A 99 5.64 14.33 13.64
C LEU A 99 5.50 12.82 13.56
N ILE A 100 6.59 12.13 13.28
CA ILE A 100 6.61 10.66 13.23
C ILE A 100 7.45 10.11 14.38
N GLY A 101 7.31 8.81 14.63
CA GLY A 101 7.84 8.16 15.84
C GLY A 101 9.34 8.24 16.09
N ASN A 102 10.14 8.52 15.06
CA ASN A 102 11.59 8.68 15.22
C ASN A 102 12.05 10.11 15.57
N GLY A 103 11.10 11.03 15.79
CA GLY A 103 11.42 12.40 16.21
C GLY A 103 11.50 13.43 15.09
N THR A 104 11.57 12.98 13.83
CA THR A 104 11.61 13.90 12.70
C THR A 104 10.20 14.40 12.36
N ILE A 105 10.16 15.58 11.76
CA ILE A 105 8.93 16.15 11.22
C ILE A 105 9.02 16.01 9.71
N GLN A 106 7.98 15.44 9.11
CA GLN A 106 7.94 15.16 7.66
C GLN A 106 6.79 15.93 7.02
N LYS A 107 7.04 16.48 5.84
CA LYS A 107 5.98 17.09 5.03
C LYS A 107 5.28 15.99 4.24
N ILE A 108 4.01 15.72 4.58
CA ILE A 108 3.26 14.63 3.93
C ILE A 108 1.94 15.15 3.37
N GLY A 109 1.61 14.69 2.17
CA GLY A 109 0.29 14.90 1.57
C GLY A 109 -0.73 14.03 2.29
N ILE A 110 -1.45 14.63 3.23
CA ILE A 110 -2.46 13.94 4.02
C ILE A 110 -3.81 14.03 3.31
N TRP A 111 -4.45 12.87 3.14
CA TRP A 111 -5.75 12.79 2.47
C TRP A 111 -6.90 12.91 3.47
N ASP A 112 -7.90 13.70 3.10
CA ASP A 112 -9.09 13.93 3.93
C ASP A 112 -10.31 13.35 3.22
N GLY A 113 -11.22 12.78 4.01
CA GLY A 113 -12.49 12.30 3.51
C GLY A 113 -12.76 10.87 3.93
N GLU A 114 -14.03 10.57 4.18
CA GLU A 114 -14.48 9.21 4.43
C GLU A 114 -14.48 8.47 3.09
N GLU A 115 -13.68 7.40 2.98
CA GLU A 115 -13.47 6.69 1.72
C GLU A 115 -13.53 5.18 1.92
N GLU A 116 -13.95 4.47 0.87
CA GLU A 116 -13.82 3.01 0.84
C GLU A 116 -13.20 2.57 -0.47
N PHE A 117 -12.30 1.59 -0.39
CA PHE A 117 -11.60 1.04 -1.54
C PHE A 117 -11.73 -0.49 -1.56
N HIS A 118 -11.86 -1.03 -2.76
CA HIS A 118 -11.66 -2.44 -3.02
C HIS A 118 -10.15 -2.58 -3.17
N VAL A 119 -9.53 -3.47 -2.40
CA VAL A 119 -8.06 -3.60 -2.38
C VAL A 119 -7.60 -5.02 -2.71
N ARG A 120 -6.37 -5.11 -3.20
CA ARG A 120 -5.75 -6.40 -3.52
C ARG A 120 -4.24 -6.30 -3.40
N CYS A 121 -3.64 -7.35 -2.84
CA CYS A 121 -2.20 -7.52 -2.83
C CYS A 121 -1.90 -9.00 -3.06
N GLY A 122 -1.28 -9.30 -4.19
CA GLY A 122 -1.08 -10.69 -4.61
C GLY A 122 -2.41 -11.38 -4.72
N GLU A 123 -2.56 -12.51 -4.03
CA GLU A 123 -3.79 -13.30 -3.99
C GLU A 123 -4.79 -12.85 -2.89
N CYS A 124 -4.41 -11.87 -2.07
CA CYS A 124 -5.26 -11.42 -0.97
C CYS A 124 -6.18 -10.29 -1.45
N ARG A 125 -7.48 -10.45 -1.21
CA ARG A 125 -8.50 -9.47 -1.56
C ARG A 125 -9.09 -8.85 -0.29
N GLY A 126 -9.58 -7.62 -0.39
CA GLY A 126 -10.22 -6.97 0.73
C GLY A 126 -10.97 -5.69 0.44
N ILE A 127 -11.62 -5.16 1.47
CA ILE A 127 -12.31 -3.87 1.43
C ILE A 127 -11.77 -3.01 2.57
N LEU A 128 -11.28 -1.83 2.22
CA LEU A 128 -10.70 -0.89 3.17
C LEU A 128 -11.60 0.32 3.32
N LYS A 129 -11.93 0.65 4.56
CA LYS A 129 -12.70 1.84 4.92
C LYS A 129 -11.79 2.71 5.75
N LYS A 130 -11.61 3.96 5.34
CA LYS A 130 -10.72 4.88 6.04
C LYS A 130 -11.20 6.33 5.96
N SER A 131 -10.65 7.14 6.85
CA SER A 131 -10.83 8.59 6.85
C SER A 131 -9.49 9.25 7.15
N LYS A 132 -9.48 10.57 7.33
CA LYS A 132 -8.25 11.31 7.57
C LYS A 132 -7.43 10.64 8.67
N MET A 133 -6.27 10.13 8.28
CA MET A 133 -5.33 9.52 9.21
C MET A 133 -5.93 8.46 10.16
N LYS A 134 -6.86 7.67 9.63
N LYS A 134 -6.84 7.65 9.61
CA LYS A 134 -7.54 6.64 10.40
CA LYS A 134 -7.54 6.65 10.40
C LYS A 134 -7.99 5.47 9.53
C LYS A 134 -8.00 5.47 9.53
N LEU A 135 -7.43 4.29 9.78
CA LEU A 135 -7.95 3.05 9.20
C LEU A 135 -9.15 2.70 10.07
N GLU A 136 -10.32 2.60 9.47
CA GLU A 136 -11.55 2.36 10.22
C GLU A 136 -11.95 0.90 10.16
N LYS A 137 -11.81 0.28 8.99
CA LYS A 137 -12.05 -1.15 8.85
C LYS A 137 -11.33 -1.74 7.63
N LEU A 138 -10.81 -2.94 7.80
CA LEU A 138 -10.22 -3.71 6.70
C LEU A 138 -10.76 -5.14 6.76
N LEU A 139 -11.65 -5.45 5.82
CA LEU A 139 -12.27 -6.77 5.70
C LEU A 139 -11.55 -7.52 4.60
N ILE A 140 -10.94 -8.67 4.92
CA ILE A 140 -10.13 -9.43 3.95
C ILE A 140 -10.55 -10.89 3.85
N ASN A 141 -10.08 -11.55 2.79
CA ASN A 141 -10.18 -13.00 2.65
C ASN A 141 -8.85 -13.62 3.03
N SER A 142 -8.88 -14.92 3.32
N SER A 142 -8.88 -14.92 3.34
CA SER A 142 -7.69 -15.69 3.63
CA SER A 142 -7.67 -15.69 3.62
C SER A 142 -6.86 -15.87 2.36
C SER A 142 -6.86 -15.86 2.35
N ALA A 143 -5.53 -15.84 2.51
CA ALA A 143 -4.62 -16.08 1.39
C ALA A 143 -3.30 -16.57 1.99
N LYS A 144 -2.29 -16.78 1.17
CA LYS A 144 -0.96 -17.07 1.71
C LYS A 144 -0.51 -15.90 2.61
N LYS A 145 0.24 -16.23 3.66
CA LYS A 145 0.54 -15.28 4.73
C LYS A 145 1.32 -14.06 4.29
N GLU A 146 2.25 -14.23 3.36
CA GLU A 146 2.99 -13.11 2.76
C GLU A 146 2.03 -12.05 2.21
N ASP A 147 1.01 -12.49 1.47
CA ASP A 147 0.04 -11.57 0.84
C ASP A 147 -0.92 -10.93 1.85
N MET A 148 -1.40 -11.72 2.81
CA MET A 148 -2.24 -11.20 3.89
C MET A 148 -1.50 -10.14 4.70
N ARG A 149 -0.26 -10.46 5.08
CA ARG A 149 0.60 -9.52 5.83
C ARG A 149 0.92 -8.25 5.04
N ASP A 150 1.28 -8.41 3.77
CA ASP A 150 1.57 -7.25 2.92
C ASP A 150 0.33 -6.37 2.72
N LEU A 151 -0.83 -7.00 2.48
CA LEU A 151 -2.09 -6.25 2.33
C LEU A 151 -2.39 -5.43 3.58
N ILE A 152 -2.28 -6.07 4.75
CA ILE A 152 -2.58 -5.39 6.01
C ILE A 152 -1.61 -4.22 6.23
N ILE A 153 -0.30 -4.47 6.07
CA ILE A 153 0.70 -3.40 6.27
C ILE A 153 0.51 -2.25 5.29
N LEU A 154 0.33 -2.58 4.01
CA LEU A 154 0.15 -1.55 2.97
C LEU A 154 -1.10 -0.72 3.19
N CYS A 155 -2.18 -1.35 3.66
CA CYS A 155 -3.40 -0.62 4.04
C CYS A 155 -3.22 0.25 5.27
N MET A 156 -2.47 -0.23 6.27
CA MET A 156 -2.13 0.58 7.45
C MET A 156 -1.31 1.82 7.06
N VAL A 157 -0.35 1.65 6.16
CA VAL A 157 0.46 2.75 5.63
C VAL A 157 -0.40 3.67 4.76
N PHE A 158 -1.16 3.08 3.83
CA PHE A 158 -2.07 3.85 2.97
C PHE A 158 -3.08 4.69 3.76
N SER A 159 -3.59 4.17 4.87
CA SER A 159 -4.54 4.90 5.71
C SER A 159 -3.98 6.16 6.37
N GLN A 160 -2.64 6.26 6.45
CA GLN A 160 -1.92 7.36 7.08
C GLN A 160 -2.29 7.49 8.55
N ASP A 161 -2.60 6.35 9.15
CA ASP A 161 -3.11 6.29 10.52
C ASP A 161 -2.06 6.87 11.45
N THR A 162 -2.51 7.63 12.44
N THR A 162 -2.52 7.63 12.44
CA THR A 162 -1.62 8.22 13.44
CA THR A 162 -1.65 8.22 13.47
C THR A 162 -0.72 7.18 14.12
C THR A 162 -0.73 7.18 14.12
N ARG A 163 -1.28 6.01 14.42
CA ARG A 163 -0.51 4.90 15.03
C ARG A 163 0.61 4.35 14.16
N MET A 164 0.40 4.38 12.84
CA MET A 164 1.41 3.94 11.88
C MET A 164 2.60 4.93 11.87
N PHE A 165 2.32 6.23 11.86
CA PHE A 165 3.37 7.25 11.96
C PHE A 165 4.17 7.14 13.27
N GLN A 166 3.46 6.91 14.37
CA GLN A 166 4.07 6.72 15.71
C GLN A 166 4.94 5.47 15.84
N GLY A 167 4.72 4.47 14.98
CA GLY A 167 5.48 3.22 15.02
C GLY A 167 6.84 3.20 14.35
N VAL A 168 7.22 4.31 13.70
CA VAL A 168 8.55 4.41 13.09
C VAL A 168 9.57 4.62 14.21
N ARG A 169 10.67 3.85 14.15
CA ARG A 169 11.76 3.96 15.12
C ARG A 169 13.07 4.34 14.43
N GLY A 170 13.47 3.54 13.45
CA GLY A 170 14.74 3.77 12.75
C GLY A 170 14.74 4.90 11.74
N GLU A 171 15.83 5.00 10.99
CA GLU A 171 15.95 5.92 9.87
C GLU A 171 15.06 5.45 8.72
N ILE A 172 14.34 6.38 8.11
CA ILE A 172 13.50 6.06 6.92
C ILE A 172 13.95 6.73 5.60
N ASN A 173 15.01 7.52 5.60
N ASN A 173 15.04 7.51 5.67
CA ASN A 173 15.54 8.03 4.33
CA ASN A 173 15.54 8.39 4.59
C ASN A 173 16.12 6.84 3.53
C ASN A 173 16.39 7.65 3.57
N PHE A 174 15.40 6.34 2.51
N PHE A 174 15.70 6.87 2.72
CA PHE A 174 15.96 5.34 1.62
CA PHE A 174 16.29 5.81 1.87
C PHE A 174 16.16 5.96 0.25
C PHE A 174 16.26 6.10 0.36
N LEU A 175 17.32 5.70 -0.35
CA LEU A 175 17.50 5.96 -1.79
C LEU A 175 17.20 4.67 -2.53
N ASN A 176 16.36 4.72 -3.57
CA ASN A 176 16.00 3.52 -4.33
C ASN A 176 17.16 3.04 -5.23
N ARG A 177 16.94 1.97 -5.99
CA ARG A 177 17.95 1.41 -6.89
C ARG A 177 18.52 2.43 -7.89
N ALA A 178 17.69 3.39 -8.31
CA ALA A 178 18.12 4.47 -9.20
C ALA A 178 18.76 5.68 -8.49
N GLY A 179 19.06 5.58 -7.20
CA GLY A 179 19.64 6.66 -6.42
C GLY A 179 18.72 7.81 -6.04
N GLN A 180 17.40 7.60 -6.12
CA GLN A 180 16.40 8.64 -5.81
C GLN A 180 15.85 8.46 -4.41
N LEU A 181 15.71 9.57 -3.68
CA LEU A 181 15.11 9.56 -2.35
C LEU A 181 13.62 9.26 -2.46
N LEU A 182 13.16 8.20 -1.80
CA LEU A 182 11.74 7.85 -1.83
C LEU A 182 10.95 8.96 -1.12
N SER A 183 9.73 9.22 -1.61
CA SER A 183 8.83 10.15 -0.93
C SER A 183 8.43 9.56 0.43
N PRO A 184 8.00 10.43 1.37
CA PRO A 184 7.67 9.96 2.74
C PRO A 184 6.75 8.73 2.78
N MET A 185 5.73 8.68 1.93
CA MET A 185 4.80 7.53 1.89
C MET A 185 5.47 6.23 1.42
N TYR A 186 6.36 6.33 0.43
CA TYR A 186 7.14 5.15 -0.01
C TYR A 186 8.24 4.75 0.97
N GLN A 187 8.77 5.71 1.73
CA GLN A 187 9.68 5.42 2.84
C GLN A 187 9.00 4.59 3.93
N LEU A 188 7.77 4.95 4.29
CA LEU A 188 7.02 4.21 5.30
C LEU A 188 6.63 2.81 4.82
N GLN A 189 6.23 2.71 3.57
CA GLN A 189 5.95 1.41 2.96
C GLN A 189 7.16 0.49 3.08
N ARG A 190 8.31 0.94 2.59
CA ARG A 190 9.54 0.14 2.66
C ARG A 190 9.86 -0.25 4.09
N TYR A 191 9.80 0.73 5.00
CA TYR A 191 10.17 0.53 6.40
C TYR A 191 9.34 -0.54 7.10
N PHE A 192 8.01 -0.42 6.97
CA PHE A 192 7.08 -1.32 7.68
C PHE A 192 6.90 -2.69 7.03
N LEU A 193 7.09 -2.79 5.72
CA LEU A 193 7.12 -4.08 5.04
C LEU A 193 8.29 -4.94 5.53
N ASN A 194 9.41 -4.30 5.88
CA ASN A 194 10.58 -4.98 6.44
C ASN A 194 10.57 -5.10 7.97
N ARG A 195 9.88 -4.18 8.66
CA ARG A 195 9.79 -4.19 10.14
C ARG A 195 8.32 -4.12 10.61
N SER A 196 7.60 -5.21 10.38
CA SER A 196 6.16 -5.27 10.65
C SER A 196 5.77 -5.43 12.12
N ASN A 197 6.67 -6.02 12.92
CA ASN A 197 6.42 -6.30 14.34
C ASN A 197 6.25 -5.02 15.18
N ASP A 198 7.03 -3.99 14.85
CA ASP A 198 6.93 -2.69 15.55
C ASP A 198 5.59 -2.01 15.26
N LEU A 199 5.10 -2.16 14.03
CA LEU A 199 3.82 -1.57 13.62
C LEU A 199 2.64 -2.20 14.35
N PHE A 200 2.55 -3.52 14.32
CA PHE A 200 1.41 -4.24 14.90
C PHE A 200 1.25 -4.03 16.41
N ASP A 201 2.37 -4.01 17.13
CA ASP A 201 2.34 -3.76 18.57
C ASP A 201 1.94 -2.31 18.90
N GLN A 202 2.34 -1.37 18.05
CA GLN A 202 1.86 0.02 18.15
C GLN A 202 0.39 0.16 17.72
N TRP A 203 -0.01 -0.64 16.72
CA TRP A 203 -1.37 -0.61 16.19
C TRP A 203 -2.40 -1.04 17.23
N GLY A 204 -2.10 -2.13 17.93
CA GLY A 204 -2.95 -2.64 19.00
C GLY A 204 -3.94 -3.67 18.53
N TYR A 205 -4.66 -4.24 19.50
CA TYR A 205 -5.57 -5.36 19.27
C TYR A 205 -6.92 -5.12 19.90
N GLU A 206 -7.90 -5.88 19.43
CA GLU A 206 -9.25 -5.88 19.99
C GLU A 206 -9.83 -7.28 19.91
N GLU A 207 -10.93 -7.48 20.62
CA GLU A 207 -11.67 -8.73 20.56
C GLU A 207 -12.18 -8.99 19.13
N SER A 208 -12.06 -10.23 18.67
CA SER A 208 -12.49 -10.61 17.34
C SER A 208 -14.03 -10.61 17.25
N PRO A 209 -14.59 -10.37 16.05
N PRO A 209 -14.60 -10.26 16.08
CA PRO A 209 -16.05 -10.37 15.90
CA PRO A 209 -16.06 -10.36 15.89
C PRO A 209 -16.61 -11.79 16.04
C PRO A 209 -16.59 -11.78 16.05
N LYS A 210 -17.86 -11.88 16.46
CA LYS A 210 -18.52 -13.19 16.74
C LYS A 210 -19.32 -13.77 15.57
N ALA A 211 -19.56 -12.97 14.52
CA ALA A 211 -20.33 -13.41 13.36
C ALA A 211 -19.73 -14.67 12.72
N SER A 212 -20.59 -15.58 12.30
CA SER A 212 -20.20 -16.92 11.83
C SER A 212 -19.19 -16.92 10.69
N GLU A 213 -19.37 -16.02 9.73
CA GLU A 213 -18.46 -15.91 8.58
C GLU A 213 -17.12 -15.23 8.90
N LEU A 214 -17.04 -14.54 10.05
CA LEU A 214 -15.87 -13.73 10.42
C LEU A 214 -14.94 -14.43 11.41
N HIS A 215 -13.64 -14.11 11.32
CA HIS A 215 -12.70 -14.40 12.40
C HIS A 215 -11.60 -13.34 12.47
N GLY A 216 -10.95 -13.27 13.63
CA GLY A 216 -9.85 -12.36 13.85
C GLY A 216 -8.55 -12.90 13.31
N ILE A 217 -7.58 -12.01 13.13
CA ILE A 217 -6.23 -12.38 12.70
C ILE A 217 -5.19 -11.76 13.65
N ASN A 218 -4.25 -12.59 14.11
CA ASN A 218 -3.21 -12.14 15.05
C ASN A 218 -1.96 -11.64 14.29
N GLU A 219 -0.94 -11.24 15.04
N GLU A 219 -0.93 -11.25 15.03
CA GLU A 219 0.33 -10.74 14.47
CA GLU A 219 0.32 -10.73 14.46
C GLU A 219 1.12 -11.74 13.62
C GLU A 219 1.10 -11.74 13.61
N SER A 220 0.88 -13.04 13.85
CA SER A 220 1.46 -14.12 13.02
C SER A 220 0.57 -14.55 11.84
N MET A 221 -0.50 -13.80 11.55
CA MET A 221 -1.43 -14.03 10.43
C MET A 221 -2.27 -15.32 10.58
N ASN A 222 -2.46 -15.77 11.81
CA ASN A 222 -3.31 -16.92 12.09
C ASN A 222 -4.66 -16.49 12.65
N ALA A 223 -5.65 -17.36 12.48
CA ALA A 223 -6.97 -17.15 13.06
C ALA A 223 -6.84 -17.05 14.57
N SER A 224 -7.58 -16.12 15.17
CA SER A 224 -7.35 -15.73 16.55
C SER A 224 -8.58 -15.09 17.16
N ASP A 225 -8.75 -15.25 18.48
CA ASP A 225 -9.87 -14.67 19.21
C ASP A 225 -9.67 -13.18 19.52
N TYR A 226 -8.45 -12.69 19.33
CA TYR A 226 -8.18 -11.26 19.24
C TYR A 226 -7.72 -10.95 17.84
N THR A 227 -7.77 -9.68 17.48
CA THR A 227 -7.46 -9.25 16.13
C THR A 227 -6.79 -7.88 16.11
N LEU A 228 -5.97 -7.65 15.08
CA LEU A 228 -5.44 -6.32 14.80
C LEU A 228 -6.61 -5.34 14.69
N LYS A 229 -6.54 -4.23 15.41
CA LYS A 229 -7.67 -3.30 15.48
C LYS A 229 -8.16 -2.91 14.09
N GLY A 230 -9.45 -3.11 13.86
CA GLY A 230 -10.09 -2.81 12.58
C GLY A 230 -10.01 -3.86 11.50
N VAL A 231 -9.22 -4.93 11.72
CA VAL A 231 -9.01 -5.95 10.71
C VAL A 231 -9.85 -7.20 11.03
N VAL A 232 -10.52 -7.75 10.03
N VAL A 232 -10.52 -7.74 10.02
CA VAL A 232 -11.27 -8.99 10.18
CA VAL A 232 -11.33 -8.95 10.15
C VAL A 232 -11.14 -9.79 8.90
C VAL A 232 -11.15 -9.79 8.89
N VAL A 233 -11.18 -11.11 9.03
CA VAL A 233 -11.13 -12.02 7.90
C VAL A 233 -12.53 -12.62 7.73
N THR A 234 -13.01 -12.68 6.50
CA THR A 234 -14.29 -13.30 6.20
C THR A 234 -14.12 -14.53 5.32
N ARG A 235 -14.91 -15.56 5.61
CA ARG A 235 -14.93 -16.79 4.81
C ARG A 235 -15.65 -16.59 3.48
N ASN A 236 -16.54 -15.59 3.41
CA ASN A 236 -17.27 -15.29 2.17
C ASN A 236 -16.31 -14.64 1.20
N VAL A 237 -16.23 -15.19 -0.01
CA VAL A 237 -15.29 -14.73 -1.02
C VAL A 237 -15.69 -13.32 -1.44
N ILE A 238 -14.77 -12.38 -1.27
CA ILE A 238 -14.93 -11.01 -1.74
C ILE A 238 -14.69 -11.05 -3.24
N ASP A 239 -15.59 -10.42 -4.00
CA ASP A 239 -15.57 -10.50 -5.46
C ASP A 239 -14.29 -9.88 -6.03
N ASP A 240 -13.99 -10.19 -7.28
CA ASP A 240 -12.86 -9.58 -7.98
C ASP A 240 -13.29 -8.19 -8.48
N PHE A 241 -12.32 -7.39 -8.92
CA PHE A 241 -12.59 -6.04 -9.44
C PHE A 241 -13.57 -6.05 -10.61
N ILE A 251 1.14 9.49 -19.66
CA ILE A 251 2.41 9.02 -19.09
C ILE A 251 3.44 10.15 -18.99
N THR A 252 4.12 10.22 -17.86
CA THR A 252 5.13 11.25 -17.57
C THR A 252 6.50 10.79 -18.11
N LYS A 253 7.42 11.74 -18.24
CA LYS A 253 8.81 11.43 -18.62
C LYS A 253 9.55 10.48 -17.66
N ASN A 254 9.13 10.45 -16.39
CA ASN A 254 9.68 9.52 -15.38
C ASN A 254 8.85 8.23 -15.20
N LEU A 255 8.21 7.77 -16.29
CA LEU A 255 7.43 6.51 -16.31
C LEU A 255 6.26 6.44 -15.29
N SER A 256 5.63 7.59 -15.04
CA SER A 256 4.49 7.68 -14.12
C SER A 256 3.20 7.88 -14.93
N LEU A 257 2.26 6.95 -14.81
CA LEU A 257 1.01 6.99 -15.57
C LEU A 257 0.02 7.98 -14.94
N ILE A 258 -0.61 8.80 -15.79
CA ILE A 258 -1.47 9.92 -15.34
C ILE A 258 -2.90 9.74 -15.88
N LYS A 259 -3.88 10.18 -15.08
CA LYS A 259 -5.28 10.27 -15.51
C LYS A 259 -5.57 11.63 -16.19
N ARG A 260 -6.78 11.77 -16.72
CA ARG A 260 -7.21 13.02 -17.37
C ARG A 260 -7.28 14.22 -16.41
N THR A 261 -7.65 13.96 -15.15
CA THR A 261 -7.71 15.00 -14.13
C THR A 261 -6.32 15.50 -13.71
N GLY A 262 -5.37 14.58 -13.55
CA GLY A 262 -4.00 14.91 -13.12
C GLY A 262 -3.39 13.90 -12.13
N GLU A 263 -4.25 13.27 -11.33
CA GLU A 263 -3.83 12.30 -10.31
C GLU A 263 -3.15 11.06 -10.92
N VAL A 264 -1.92 10.78 -10.49
CA VAL A 264 -1.16 9.63 -10.99
C VAL A 264 -1.64 8.31 -10.37
N ILE A 265 -1.74 7.27 -11.20
CA ILE A 265 -2.26 5.95 -10.76
C ILE A 265 -1.17 4.92 -10.43
N MET A 266 -0.05 4.99 -11.14
CA MET A 266 1.12 4.14 -10.85
C MET A 266 2.41 4.74 -11.41
N GLY A 267 3.54 4.17 -11.01
CA GLY A 267 4.85 4.66 -11.45
C GLY A 267 6.00 3.69 -11.21
N ALA A 268 7.21 4.22 -11.33
CA ALA A 268 8.45 3.43 -11.17
C ALA A 268 8.62 2.86 -9.76
N ASN A 269 8.20 3.60 -8.75
CA ASN A 269 8.31 3.17 -7.34
C ASN A 269 7.46 1.93 -6.99
N ASP A 270 6.44 1.65 -7.79
CA ASP A 270 5.53 0.52 -7.55
C ASP A 270 6.01 -0.84 -8.09
N VAL A 271 7.07 -0.86 -8.90
CA VAL A 271 7.53 -2.10 -9.53
C VAL A 271 8.30 -2.99 -8.56
C1 BYB B . -3.51 7.93 0.58
C2 BYB B . -4.51 7.92 1.56
C4 BYB B . -3.87 8.20 -0.73
C5 BYB B . -5.22 8.46 -1.02
C6 BYB B . -6.18 8.42 0.01
N3 BYB B . -5.79 8.15 1.27
N7 BYB B . -7.39 8.70 -0.56
N8 BYB B . -7.23 8.92 -1.93
C9 BYB B . -5.95 8.76 -2.25
C10 BYB B . -5.36 8.96 -3.59
N11 BYB B . -4.03 8.82 -3.75
C12 BYB B . -3.45 9.02 -4.93
C13 BYB B . -4.26 9.39 -6.02
C14 BYB B . -5.63 9.53 -5.82
N15 BYB B . -6.14 9.32 -4.61
N16 BYB B . -2.06 8.89 -5.11
C17 BYB B . -1.16 8.63 -3.98
C18 BYB B . -0.90 7.11 -3.80
C19 BYB B . -0.05 6.55 -4.97
C20 BYB B . 1.29 7.33 -5.07
C21 BYB B . 1.35 8.37 -3.93
C22 BYB B . 0.20 9.38 -4.15
F23 BYB B . -2.22 7.69 0.89
F24 BYB B . -3.69 9.59 -7.23
C25 BYB B . 0.35 10.58 -3.21
O26 BYB B . 1.41 11.38 -3.33
O27 BYB B . -0.46 10.84 -2.35
C28 BYB B . -0.14 6.92 -2.46
C29 BYB B . 1.23 7.65 -2.56
#